data_6VR2
#
_entry.id   6VR2
#
_cell.length_a   72.798
_cell.length_b   72.798
_cell.length_c   146.321
_cell.angle_alpha   90.00
_cell.angle_beta   90.00
_cell.angle_gamma   120.00
#
_symmetry.space_group_name_H-M   'P 32 2 1'
#
loop_
_entity.id
_entity.type
_entity.pdbx_description
1 polymer "Aminoglycoside 2'-N-acetyltransferase"
2 non-polymer '(1S,2S,3R,4S,6R)-3-{[2-(acetylamino)-6-amino-2,3,6-trideoxy-alpha-D-ribo-hexopyranosyl]oxy}-4,6-diamino-2-hydroxycycloh exyl 3-amino-3-deoxy-alpha-D-glucopyranoside'
3 non-polymer 'COENZYME A'
4 non-polymer 'ACETATE ION'
5 water water
#
_entity_poly.entity_id   1
_entity_poly.type   'polypeptide(L)'
_entity_poly.pdbx_seq_one_letter_code
;MGIEYRSLHTSQLTLSEKEALYDLLIEGFEGDFSHDDFAHTLGGMHVMAFDQQKLVGHVAIIQRHMALDNTPISVGYVEA
MVVEQSYRRQGIGRQLMLQTNKIIASCYQLGLLSASDDGQKLYHSVGWQIWKGKLFELKQGSYIRSIEEEGGVMGWKADG
EVDFTASLYCDFRGGDQW
;
_entity_poly.pdbx_strand_id   A,B
#
loop_
_chem_comp.id
_chem_comp.type
_chem_comp.name
_chem_comp.formula
ACT non-polymer 'ACETATE ION' 'C2 H3 O2 -1'
COA non-polymer 'COENZYME A' 'C21 H36 N7 O16 P3 S'
R7Y non-polymer '(1S,2S,3R,4S,6R)-3-{[2-(acetylamino)-6-amino-2,3,6-trideoxy-alpha-D-ribo-hexopyranosyl]oxy}-4,6-diamino-2-hydroxycycloh exyl 3-amino-3-deoxy-alpha-D-glucopyranoside' 'C20 H39 N5 O10'
#
# COMPACT_ATOMS: atom_id res chain seq x y z
N GLY A 2 2.12 -4.80 30.27
CA GLY A 2 1.58 -6.14 30.17
C GLY A 2 0.98 -6.44 28.80
N ILE A 3 0.88 -5.42 27.97
CA ILE A 3 0.37 -5.54 26.61
C ILE A 3 1.55 -5.67 25.65
N GLU A 4 1.49 -6.67 24.78
CA GLU A 4 2.52 -6.86 23.75
C GLU A 4 2.02 -6.31 22.42
N TYR A 5 2.93 -5.68 21.67
CA TYR A 5 2.60 -5.06 20.39
C TYR A 5 3.36 -5.77 19.29
N ARG A 6 2.67 -6.08 18.19
N ARG A 6 2.66 -6.09 18.20
CA ARG A 6 3.29 -6.71 17.03
CA ARG A 6 3.26 -6.71 17.03
C ARG A 6 2.84 -5.99 15.77
C ARG A 6 2.85 -5.97 15.78
N SER A 7 3.78 -5.80 14.85
CA SER A 7 3.50 -5.19 13.55
C SER A 7 3.59 -6.27 12.49
N LEU A 8 2.47 -6.54 11.82
CA LEU A 8 2.39 -7.59 10.80
C LEU A 8 1.74 -7.04 9.55
N HIS A 9 2.29 -7.38 8.39
CA HIS A 9 1.61 -7.08 7.14
C HIS A 9 0.40 -7.99 6.98
N THR A 10 -0.57 -7.56 6.17
CA THR A 10 -1.74 -8.41 5.94
C THR A 10 -1.32 -9.78 5.43
N SER A 11 -0.30 -9.84 4.56
CA SER A 11 0.19 -11.10 4.00
C SER A 11 0.77 -12.04 5.04
N GLN A 12 1.01 -11.57 6.26
CA GLN A 12 1.60 -12.37 7.32
C GLN A 12 0.57 -12.86 8.34
N LEU A 13 -0.71 -12.55 8.14
CA LEU A 13 -1.77 -12.97 9.06
C LEU A 13 -2.38 -14.30 8.63
N THR A 14 -2.76 -15.12 9.61
CA THR A 14 -3.55 -16.30 9.33
C THR A 14 -5.02 -15.92 9.10
N LEU A 15 -5.80 -16.87 8.59
CA LEU A 15 -7.23 -16.64 8.44
C LEU A 15 -7.88 -16.41 9.79
N SER A 16 -7.45 -17.16 10.81
CA SER A 16 -8.03 -16.98 12.14
C SER A 16 -7.65 -15.64 12.75
N GLU A 17 -6.44 -15.14 12.45
CA GLU A 17 -6.06 -13.83 12.94
C GLU A 17 -6.84 -12.73 12.24
N LYS A 18 -7.03 -12.85 10.92
CA LYS A 18 -7.90 -11.91 10.22
C LYS A 18 -9.31 -11.96 10.79
N GLU A 19 -9.81 -13.15 11.13
CA GLU A 19 -11.15 -13.25 11.68
C GLU A 19 -11.23 -12.64 13.07
N ALA A 20 -10.20 -12.84 13.90
CA ALA A 20 -10.19 -12.19 15.20
C ALA A 20 -10.16 -10.67 15.04
N LEU A 21 -9.46 -10.18 14.02
CA LEU A 21 -9.44 -8.75 13.75
C LEU A 21 -10.83 -8.25 13.37
N TYR A 22 -11.47 -8.93 12.42
CA TYR A 22 -12.86 -8.60 12.09
C TYR A 22 -13.73 -8.57 13.33
N ASP A 23 -13.66 -9.63 14.15
CA ASP A 23 -14.49 -9.68 15.36
C ASP A 23 -14.23 -8.49 16.27
N LEU A 24 -12.96 -8.14 16.46
CA LEU A 24 -12.62 -7.03 17.35
C LEU A 24 -13.20 -5.73 16.83
N LEU A 25 -13.14 -5.53 15.51
CA LEU A 25 -13.67 -4.32 14.91
C LEU A 25 -15.19 -4.25 15.03
N ILE A 26 -15.87 -5.36 14.75
CA ILE A 26 -17.33 -5.39 14.86
C ILE A 26 -17.77 -5.06 16.29
N GLU A 27 -17.13 -5.70 17.28
N GLU A 27 -17.14 -5.71 17.27
CA GLU A 27 -17.51 -5.46 18.67
CA GLU A 27 -17.51 -5.47 18.67
C GLU A 27 -17.12 -4.06 19.11
C GLU A 27 -17.12 -4.06 19.11
N GLY A 28 -15.97 -3.56 18.67
CA GLY A 28 -15.48 -2.28 19.17
C GLY A 28 -16.15 -1.06 18.57
N PHE A 29 -16.65 -1.17 17.34
CA PHE A 29 -17.34 -0.08 16.66
C PHE A 29 -18.86 -0.14 16.84
N GLU A 30 -19.37 -1.15 17.53
CA GLU A 30 -20.80 -1.29 17.79
C GLU A 30 -21.63 -1.02 16.53
N GLY A 31 -21.49 -1.94 15.57
CA GLY A 31 -22.31 -1.92 14.37
C GLY A 31 -22.01 -0.82 13.38
N ASP A 32 -20.97 -0.02 13.62
CA ASP A 32 -20.64 1.11 12.75
C ASP A 32 -19.54 0.78 11.76
N PHE A 33 -19.31 -0.50 11.49
CA PHE A 33 -18.15 -0.94 10.73
C PHE A 33 -18.62 -1.91 9.66
N SER A 34 -18.48 -1.52 8.39
CA SER A 34 -19.10 -2.25 7.29
C SER A 34 -18.12 -3.23 6.65
N HIS A 35 -18.64 -4.06 5.73
CA HIS A 35 -17.74 -4.92 4.98
C HIS A 35 -16.77 -4.11 4.12
N ASP A 36 -17.20 -2.94 3.60
CA ASP A 36 -16.25 -2.10 2.88
C ASP A 36 -15.19 -1.54 3.83
N ASP A 37 -15.58 -1.20 5.06
CA ASP A 37 -14.59 -0.75 6.03
C ASP A 37 -13.55 -1.83 6.31
N PHE A 38 -13.97 -3.09 6.33
CA PHE A 38 -12.99 -4.14 6.57
C PHE A 38 -12.05 -4.28 5.38
N ALA A 39 -12.58 -4.22 4.15
CA ALA A 39 -11.71 -4.20 2.98
C ALA A 39 -10.66 -3.10 3.07
N HIS A 40 -11.06 -1.93 3.58
CA HIS A 40 -10.15 -0.80 3.68
C HIS A 40 -8.98 -1.08 4.60
N THR A 41 -9.12 -1.99 5.57
CA THR A 41 -8.03 -2.18 6.51
C THR A 41 -7.10 -3.32 6.13
N LEU A 42 -7.27 -3.93 4.96
CA LEU A 42 -6.45 -5.05 4.51
C LEU A 42 -5.55 -4.63 3.37
N GLY A 43 -4.32 -5.13 3.39
CA GLY A 43 -3.36 -4.84 2.33
C GLY A 43 -2.13 -4.07 2.76
N GLY A 44 -2.08 -3.55 4.00
CA GLY A 44 -0.95 -2.80 4.50
C GLY A 44 -0.45 -3.39 5.81
N MET A 45 0.07 -2.51 6.67
CA MET A 45 0.64 -2.93 7.94
C MET A 45 -0.39 -2.85 9.07
N HIS A 46 -0.41 -3.88 9.92
CA HIS A 46 -1.26 -3.91 11.10
C HIS A 46 -0.38 -3.78 12.33
N VAL A 47 -0.77 -2.89 13.25
CA VAL A 47 -0.17 -2.83 14.57
C VAL A 47 -1.19 -3.42 15.52
N MET A 48 -0.83 -4.52 16.16
CA MET A 48 -1.78 -5.27 16.97
C MET A 48 -1.27 -5.37 18.40
N ALA A 49 -2.20 -5.15 19.34
CA ALA A 49 -1.92 -5.20 20.76
C ALA A 49 -2.56 -6.47 21.33
N PHE A 50 -1.81 -7.18 22.16
CA PHE A 50 -2.25 -8.46 22.70
C PHE A 50 -2.15 -8.47 24.22
N ASP A 51 -3.19 -8.97 24.87
CA ASP A 51 -3.15 -9.35 26.28
C ASP A 51 -2.98 -10.87 26.28
N GLN A 52 -1.75 -11.33 26.53
CA GLN A 52 -1.36 -12.72 26.36
C GLN A 52 -1.57 -13.06 24.89
N GLN A 53 -2.37 -14.05 24.54
CA GLN A 53 -2.59 -14.40 23.13
C GLN A 53 -3.85 -13.77 22.56
N LYS A 54 -4.56 -12.95 23.34
CA LYS A 54 -5.82 -12.37 22.92
C LYS A 54 -5.60 -10.99 22.30
N LEU A 55 -6.11 -10.80 21.09
CA LEU A 55 -6.05 -9.50 20.43
C LEU A 55 -7.00 -8.52 21.12
N VAL A 56 -6.46 -7.37 21.54
CA VAL A 56 -7.25 -6.39 22.29
C VAL A 56 -7.16 -4.99 21.66
N GLY A 57 -6.30 -4.82 20.67
CA GLY A 57 -6.18 -3.52 20.01
C GLY A 57 -5.58 -3.65 18.64
N HIS A 58 -5.87 -2.66 17.79
CA HIS A 58 -5.44 -2.73 16.40
C HIS A 58 -5.50 -1.36 15.75
N VAL A 59 -4.55 -1.11 14.85
CA VAL A 59 -4.65 -0.05 13.87
C VAL A 59 -3.88 -0.50 12.64
N ALA A 60 -4.35 -0.07 11.48
CA ALA A 60 -3.66 -0.40 10.23
C ALA A 60 -3.20 0.85 9.51
N ILE A 61 -2.11 0.70 8.74
CA ILE A 61 -1.57 1.77 7.92
C ILE A 61 -1.57 1.25 6.49
N ILE A 62 -2.41 1.86 5.64
CA ILE A 62 -2.60 1.51 4.23
C ILE A 62 -1.83 2.49 3.36
N GLN A 63 -1.20 1.99 2.29
CA GLN A 63 -0.58 2.92 1.35
C GLN A 63 -1.68 3.46 0.43
N ARG A 64 -1.77 4.79 0.34
CA ARG A 64 -2.62 5.43 -0.65
C ARG A 64 -1.79 6.41 -1.46
N HIS A 65 -2.30 6.78 -2.63
CA HIS A 65 -1.55 7.60 -3.57
C HIS A 65 -2.46 8.74 -3.97
N MET A 66 -2.10 9.95 -3.54
CA MET A 66 -2.98 11.09 -3.66
C MET A 66 -2.26 12.22 -4.38
N ALA A 67 -3.00 13.29 -4.63
CA ALA A 67 -2.41 14.54 -5.10
C ALA A 67 -2.58 15.59 -4.02
N LEU A 68 -1.54 16.39 -3.84
CA LEU A 68 -1.56 17.55 -2.94
C LEU A 68 -1.47 18.77 -3.86
N ASP A 69 -2.59 19.47 -4.01
CA ASP A 69 -2.77 20.38 -5.15
C ASP A 69 -2.41 19.60 -6.42
N ASN A 70 -1.37 20.00 -7.15
CA ASN A 70 -0.96 19.29 -8.37
C ASN A 70 0.12 18.24 -8.13
N THR A 71 0.60 18.06 -6.91
CA THR A 71 1.81 17.29 -6.66
C THR A 71 1.47 15.89 -6.16
N PRO A 72 2.03 14.83 -6.73
CA PRO A 72 1.76 13.49 -6.20
C PRO A 72 2.38 13.33 -4.82
N ILE A 73 1.68 12.61 -3.96
N ILE A 73 1.66 12.65 -3.93
CA ILE A 73 2.13 12.41 -2.58
CA ILE A 73 2.16 12.40 -2.59
C ILE A 73 1.80 10.99 -2.14
C ILE A 73 1.82 10.98 -2.18
N SER A 74 2.76 10.35 -1.48
N SER A 74 2.79 10.28 -1.61
CA SER A 74 2.61 8.98 -0.98
CA SER A 74 2.58 8.99 -1.00
C SER A 74 2.11 9.04 0.47
C SER A 74 2.00 9.18 0.40
N VAL A 75 0.94 8.44 0.71
CA VAL A 75 0.21 8.61 1.96
C VAL A 75 0.19 7.29 2.74
N GLY A 76 0.45 7.36 4.04
CA GLY A 76 0.11 6.29 4.94
C GLY A 76 -1.26 6.58 5.54
N TYR A 77 -2.27 5.85 5.12
CA TYR A 77 -3.65 6.12 5.54
C TYR A 77 -4.02 5.19 6.69
N VAL A 78 -4.47 5.79 7.79
CA VAL A 78 -4.74 5.05 9.02
C VAL A 78 -6.18 4.53 9.00
N GLU A 79 -6.35 3.24 9.27
CA GLU A 79 -7.66 2.59 9.20
C GLU A 79 -7.90 1.74 10.43
N ALA A 80 -9.18 1.57 10.79
CA ALA A 80 -9.62 0.50 11.70
C ALA A 80 -8.93 0.57 13.07
N MET A 81 -8.81 1.78 13.61
CA MET A 81 -8.29 1.94 14.97
C MET A 81 -9.33 1.49 15.99
N VAL A 82 -8.96 0.54 16.86
CA VAL A 82 -9.93 0.01 17.82
C VAL A 82 -9.18 -0.58 19.01
N VAL A 83 -9.76 -0.42 20.19
CA VAL A 83 -9.32 -1.09 21.40
C VAL A 83 -10.54 -1.73 22.04
N GLU A 84 -10.39 -2.96 22.52
CA GLU A 84 -11.52 -3.63 23.16
C GLU A 84 -12.01 -2.81 24.34
N GLN A 85 -13.34 -2.73 24.48
N GLN A 85 -13.34 -2.74 24.47
CA GLN A 85 -13.94 -1.75 25.38
CA GLN A 85 -13.97 -1.78 25.38
C GLN A 85 -13.36 -1.82 26.79
C GLN A 85 -13.38 -1.83 26.78
N SER A 86 -13.23 -3.02 27.34
CA SER A 86 -12.74 -3.14 28.71
C SER A 86 -11.26 -2.80 28.85
N TYR A 87 -10.55 -2.57 27.74
CA TYR A 87 -9.14 -2.21 27.77
C TYR A 87 -8.88 -0.74 27.47
N ARG A 88 -9.92 0.07 27.32
CA ARG A 88 -9.74 1.46 26.93
C ARG A 88 -9.29 2.32 28.12
N ARG A 89 -8.81 3.52 27.80
CA ARG A 89 -8.33 4.50 28.77
C ARG A 89 -7.17 3.97 29.60
N GLN A 90 -6.38 3.08 29.02
CA GLN A 90 -5.12 2.61 29.59
C GLN A 90 -3.91 3.04 28.78
N GLY A 91 -4.10 3.76 27.68
CA GLY A 91 -2.99 4.18 26.87
C GLY A 91 -2.66 3.27 25.70
N ILE A 92 -3.48 2.25 25.43
CA ILE A 92 -3.20 1.38 24.30
C ILE A 92 -3.34 2.13 22.98
N GLY A 93 -4.44 2.88 22.83
CA GLY A 93 -4.61 3.65 21.61
C GLY A 93 -3.45 4.57 21.33
N ARG A 94 -2.92 5.22 22.38
CA ARG A 94 -1.75 6.09 22.20
C ARG A 94 -0.55 5.28 21.71
N GLN A 95 -0.28 4.14 22.35
CA GLN A 95 0.87 3.32 21.93
C GLN A 95 0.69 2.85 20.49
N LEU A 96 -0.54 2.53 20.09
CA LEU A 96 -0.78 2.13 18.70
C LEU A 96 -0.44 3.27 17.76
N MET A 97 -0.78 4.51 18.15
CA MET A 97 -0.47 5.64 17.27
C MET A 97 1.01 5.96 17.26
N LEU A 98 1.72 5.75 18.37
CA LEU A 98 3.16 5.97 18.37
C LEU A 98 3.85 5.03 17.38
N GLN A 99 3.43 3.77 17.35
CA GLN A 99 3.96 2.82 16.37
C GLN A 99 3.54 3.21 14.96
N THR A 100 2.31 3.68 14.81
CA THR A 100 1.81 4.13 13.52
C THR A 100 2.64 5.29 12.98
N ASN A 101 2.95 6.27 13.84
CA ASN A 101 3.79 7.40 13.42
C ASN A 101 5.15 6.92 12.94
N LYS A 102 5.75 5.95 13.64
CA LYS A 102 7.06 5.44 13.22
C LYS A 102 6.99 4.83 11.83
N ILE A 103 5.94 4.04 11.56
CA ILE A 103 5.80 3.40 10.25
C ILE A 103 5.61 4.45 9.17
N ILE A 104 4.77 5.44 9.45
CA ILE A 104 4.54 6.49 8.46
C ILE A 104 5.83 7.26 8.18
N ALA A 105 6.57 7.60 9.23
CA ALA A 105 7.80 8.36 9.03
C ALA A 105 8.82 7.58 8.21
N SER A 106 8.82 6.25 8.34
CA SER A 106 9.80 5.45 7.61
C SER A 106 9.40 5.19 6.16
N CYS A 107 8.12 5.36 5.80
CA CYS A 107 7.60 4.87 4.53
C CYS A 107 6.95 5.91 3.63
N TYR A 108 6.30 6.93 4.20
CA TYR A 108 5.39 7.76 3.43
C TYR A 108 5.69 9.23 3.63
N GLN A 109 5.20 10.05 2.69
CA GLN A 109 5.36 11.49 2.78
C GLN A 109 4.38 12.15 3.75
N LEU A 110 3.26 11.50 4.05
CA LEU A 110 2.22 12.13 4.84
C LEU A 110 1.32 11.05 5.42
N GLY A 111 0.95 11.21 6.69
CA GLY A 111 -0.09 10.38 7.28
C GLY A 111 -1.43 11.10 7.19
N LEU A 112 -2.50 10.34 6.92
CA LEU A 112 -3.85 10.88 6.91
C LEU A 112 -4.80 9.86 7.55
N LEU A 113 -5.88 10.38 8.13
CA LEU A 113 -6.93 9.55 8.69
C LEU A 113 -8.22 10.37 8.73
N SER A 114 -9.33 9.68 8.92
CA SER A 114 -10.63 10.32 9.09
C SER A 114 -11.14 10.00 10.49
N ALA A 115 -11.31 11.02 11.31
CA ALA A 115 -11.58 10.86 12.73
C ALA A 115 -13.02 11.18 13.06
N SER A 116 -13.54 10.51 14.09
CA SER A 116 -14.80 10.95 14.66
C SER A 116 -14.59 12.26 15.43
N ASP A 117 -15.68 13.03 15.55
CA ASP A 117 -15.60 14.33 16.22
C ASP A 117 -14.96 14.22 17.61
N ASP A 118 -15.23 13.11 18.32
CA ASP A 118 -14.65 12.91 19.64
C ASP A 118 -13.22 12.40 19.55
N GLY A 119 -12.95 11.51 18.59
CA GLY A 119 -11.66 10.85 18.53
C GLY A 119 -10.48 11.73 18.16
N GLN A 120 -10.70 13.03 17.91
CA GLN A 120 -9.59 13.86 17.43
C GLN A 120 -8.55 14.11 18.50
N LYS A 121 -8.94 14.11 19.78
CA LYS A 121 -7.98 14.42 20.85
C LYS A 121 -6.85 13.39 20.89
N LEU A 122 -7.18 12.10 20.74
CA LEU A 122 -6.15 11.07 20.79
C LEU A 122 -5.09 11.32 19.72
N TYR A 123 -5.51 11.60 18.49
CA TYR A 123 -4.55 11.85 17.42
C TYR A 123 -3.82 13.16 17.63
N HIS A 124 -4.53 14.20 18.08
CA HIS A 124 -3.88 15.47 18.33
C HIS A 124 -2.80 15.33 19.40
N SER A 125 -3.02 14.44 20.38
CA SER A 125 -2.04 14.24 21.43
C SER A 125 -0.77 13.56 20.95
N VAL A 126 -0.77 12.97 19.75
CA VAL A 126 0.47 12.43 19.19
C VAL A 126 0.86 13.20 17.94
N GLY A 127 0.42 14.46 17.84
CA GLY A 127 0.94 15.39 16.86
C GLY A 127 0.12 15.58 15.61
N TRP A 128 -1.02 14.90 15.48
CA TRP A 128 -1.83 15.05 14.28
C TRP A 128 -2.62 16.35 14.34
N GLN A 129 -2.96 16.90 13.17
CA GLN A 129 -3.68 18.16 13.07
C GLN A 129 -4.80 18.03 12.05
N ILE A 130 -5.86 18.82 12.25
CA ILE A 130 -6.96 18.83 11.29
C ILE A 130 -6.44 19.34 9.95
N TRP A 131 -6.80 18.65 8.87
CA TRP A 131 -6.49 19.11 7.52
C TRP A 131 -7.35 20.31 7.17
N LYS A 132 -6.71 21.39 6.73
CA LYS A 132 -7.40 22.65 6.49
C LYS A 132 -7.81 22.87 5.05
N GLY A 133 -7.19 22.18 4.10
CA GLY A 133 -7.54 22.36 2.71
C GLY A 133 -8.78 21.59 2.31
N LYS A 134 -9.24 21.88 1.09
CA LYS A 134 -10.38 21.14 0.53
C LYS A 134 -10.01 19.69 0.29
N LEU A 135 -11.02 18.83 0.33
CA LEU A 135 -10.86 17.40 0.10
C LEU A 135 -11.66 16.99 -1.12
N PHE A 136 -11.09 16.11 -1.96
CA PHE A 136 -11.76 15.65 -3.16
C PHE A 136 -11.68 14.13 -3.28
N GLU A 137 -12.70 13.53 -3.90
CA GLU A 137 -12.72 12.10 -4.15
C GLU A 137 -13.25 11.84 -5.55
N LEU A 138 -12.94 10.64 -6.06
CA LEU A 138 -13.40 10.24 -7.38
C LEU A 138 -14.82 9.68 -7.30
N LYS A 139 -15.70 10.19 -8.17
CA LYS A 139 -17.01 9.59 -8.38
C LYS A 139 -17.20 9.45 -9.88
N GLN A 140 -17.39 8.21 -10.34
CA GLN A 140 -17.54 7.90 -11.74
C GLN A 140 -16.39 8.50 -12.56
N GLY A 141 -15.17 8.35 -12.04
CA GLY A 141 -13.98 8.77 -12.76
C GLY A 141 -13.66 10.25 -12.77
N SER A 142 -14.39 11.07 -12.00
CA SER A 142 -14.14 12.51 -11.94
C SER A 142 -14.16 12.97 -10.48
N TYR A 143 -13.35 13.99 -10.16
CA TYR A 143 -13.22 14.45 -8.78
C TYR A 143 -14.40 15.31 -8.36
N ILE A 144 -14.92 15.06 -7.14
CA ILE A 144 -15.94 15.88 -6.51
C ILE A 144 -15.46 16.23 -5.10
N ARG A 145 -16.06 17.28 -4.51
CA ARG A 145 -15.71 17.69 -3.16
C ARG A 145 -16.19 16.68 -2.13
N SER A 146 -15.31 16.31 -1.19
CA SER A 146 -15.68 15.44 -0.08
C SER A 146 -16.18 16.30 1.10
N ILE A 147 -17.32 16.96 0.85
CA ILE A 147 -17.82 17.97 1.78
C ILE A 147 -18.02 17.39 3.17
N GLU A 148 -18.59 16.19 3.26
N GLU A 148 -18.61 16.19 3.25
CA GLU A 148 -18.89 15.62 4.56
CA GLU A 148 -18.89 15.56 4.55
C GLU A 148 -17.65 15.29 5.38
C GLU A 148 -17.63 15.39 5.39
N GLU A 149 -16.48 15.21 4.74
CA GLU A 149 -15.26 14.83 5.45
C GLU A 149 -14.38 16.00 5.85
N GLU A 150 -14.62 17.18 5.28
CA GLU A 150 -13.79 18.33 5.59
C GLU A 150 -14.02 18.77 7.04
N GLY A 151 -12.94 18.91 7.78
CA GLY A 151 -13.00 19.11 9.21
C GLY A 151 -12.79 17.86 10.02
N GLY A 152 -12.94 16.68 9.40
CA GLY A 152 -12.75 15.42 10.10
C GLY A 152 -11.46 14.71 9.72
N VAL A 153 -10.92 14.98 8.55
CA VAL A 153 -9.65 14.38 8.14
C VAL A 153 -8.52 15.07 8.90
N MET A 154 -7.59 14.26 9.39
CA MET A 154 -6.41 14.77 10.10
C MET A 154 -5.15 14.27 9.41
N GLY A 155 -4.06 15.02 9.57
CA GLY A 155 -2.81 14.67 8.93
C GLY A 155 -1.64 14.76 9.89
N TRP A 156 -0.53 14.11 9.47
CA TRP A 156 0.70 14.11 10.25
C TRP A 156 1.90 14.00 9.32
N LYS A 157 2.88 14.87 9.53
CA LYS A 157 4.24 14.63 9.01
C LYS A 157 5.18 15.48 9.87
N ALA A 158 5.65 14.89 10.97
CA ALA A 158 6.46 15.64 11.92
C ALA A 158 7.75 16.12 11.26
N ASP A 159 8.04 17.41 11.43
CA ASP A 159 9.25 18.05 10.94
C ASP A 159 9.35 18.06 9.42
N GLY A 160 8.22 17.89 8.72
CA GLY A 160 8.18 17.94 7.27
C GLY A 160 7.80 19.31 6.74
N GLU A 161 7.53 19.36 5.44
CA GLU A 161 7.14 20.61 4.79
C GLU A 161 5.82 20.47 4.04
N VAL A 162 4.89 19.70 4.59
CA VAL A 162 3.59 19.51 3.94
C VAL A 162 2.68 20.67 4.27
N ASP A 163 2.08 21.27 3.24
CA ASP A 163 1.15 22.38 3.41
C ASP A 163 -0.24 21.84 3.76
N PHE A 164 -0.67 22.02 5.01
CA PHE A 164 -1.95 21.45 5.45
C PHE A 164 -3.15 22.25 4.95
N THR A 165 -2.92 23.37 4.25
CA THR A 165 -4.00 24.14 3.62
C THR A 165 -4.18 23.81 2.14
N ALA A 166 -3.36 22.93 1.57
CA ALA A 166 -3.53 22.55 0.17
C ALA A 166 -4.68 21.57 0.00
N SER A 167 -5.18 21.46 -1.23
CA SER A 167 -6.21 20.47 -1.53
C SER A 167 -5.63 19.06 -1.58
N LEU A 168 -6.41 18.09 -1.12
CA LEU A 168 -6.09 16.68 -1.28
C LEU A 168 -7.07 16.01 -2.22
N TYR A 169 -6.54 15.18 -3.12
CA TYR A 169 -7.34 14.39 -4.06
C TYR A 169 -7.01 12.93 -3.79
N CYS A 170 -7.97 12.17 -3.26
CA CYS A 170 -7.64 10.82 -2.86
C CYS A 170 -7.84 9.85 -4.02
N ASP A 171 -7.36 8.62 -3.83
CA ASP A 171 -7.56 7.54 -4.79
C ASP A 171 -8.88 6.81 -4.49
N PHE A 172 -9.29 5.96 -5.43
CA PHE A 172 -10.65 5.42 -5.48
C PHE A 172 -10.75 4.12 -4.67
N ARG A 173 -11.90 3.93 -4.04
CA ARG A 173 -12.18 2.66 -3.36
C ARG A 173 -13.69 2.52 -3.20
N GLY A 174 -14.12 1.39 -2.64
CA GLY A 174 -15.53 1.22 -2.34
C GLY A 174 -15.91 1.84 -1.01
N GLY A 175 -17.22 2.00 -0.80
CA GLY A 175 -17.69 2.57 0.46
C GLY A 175 -17.25 4.01 0.63
N ASP A 176 -16.92 4.38 1.87
CA ASP A 176 -16.44 5.73 2.14
C ASP A 176 -15.03 5.89 1.58
N GLN A 177 -14.82 6.95 0.78
CA GLN A 177 -13.51 7.17 0.19
C GLN A 177 -12.48 7.66 1.21
N TRP A 178 -12.93 8.28 2.29
CA TRP A 178 -12.05 8.70 3.38
C TRP A 178 -12.33 7.86 4.63
N GLY B 2 22.13 -22.10 -2.52
CA GLY B 2 21.87 -21.60 -1.18
C GLY B 2 21.37 -20.17 -1.15
N ILE B 3 20.25 -19.90 -1.81
CA ILE B 3 19.64 -18.58 -1.82
C ILE B 3 18.54 -18.54 -0.76
N GLU B 4 18.60 -17.56 0.13
N GLU B 4 18.60 -17.58 0.15
CA GLU B 4 17.58 -17.35 1.15
CA GLU B 4 17.56 -17.38 1.14
C GLU B 4 16.65 -16.22 0.73
C GLU B 4 16.65 -16.25 0.70
N TYR B 5 15.36 -16.42 0.94
CA TYR B 5 14.35 -15.42 0.60
C TYR B 5 13.71 -14.89 1.87
N ARG B 6 13.53 -13.58 1.93
N ARG B 6 13.53 -13.58 1.93
CA ARG B 6 12.88 -12.93 3.07
CA ARG B 6 12.88 -12.93 3.06
C ARG B 6 11.87 -11.92 2.56
C ARG B 6 11.86 -11.93 2.55
N SER B 7 10.73 -11.82 3.25
CA SER B 7 9.69 -10.86 2.92
C SER B 7 9.67 -9.80 4.02
N LEU B 8 9.92 -8.55 3.65
CA LEU B 8 10.07 -7.46 4.62
C LEU B 8 9.33 -6.23 4.13
N HIS B 9 8.52 -5.64 5.00
CA HIS B 9 7.88 -4.37 4.67
C HIS B 9 8.94 -3.27 4.64
N THR B 10 8.66 -2.22 3.86
CA THR B 10 9.60 -1.10 3.82
C THR B 10 9.95 -0.62 5.23
N SER B 11 8.96 -0.61 6.11
CA SER B 11 9.17 -0.14 7.49
C SER B 11 10.07 -1.06 8.29
N GLN B 12 10.31 -2.28 7.80
CA GLN B 12 11.16 -3.23 8.50
C GLN B 12 12.57 -3.30 7.95
N LEU B 13 12.88 -2.58 6.86
CA LEU B 13 14.22 -2.64 6.29
C LEU B 13 15.21 -1.92 7.18
N THR B 14 16.31 -2.58 7.50
CA THR B 14 17.43 -1.84 8.05
C THR B 14 17.90 -0.82 7.02
N LEU B 15 18.57 0.21 7.53
CA LEU B 15 19.18 1.20 6.64
C LEU B 15 20.16 0.54 5.67
N SER B 16 20.87 -0.50 6.14
CA SER B 16 21.80 -1.24 5.29
C SER B 16 21.08 -1.92 4.15
N GLU B 17 19.90 -2.48 4.42
CA GLU B 17 19.15 -3.16 3.36
C GLU B 17 18.64 -2.15 2.33
N LYS B 18 18.25 -0.95 2.77
N LYS B 18 18.22 -0.96 2.78
CA LYS B 18 17.71 0.02 1.83
CA LYS B 18 17.71 0.04 1.83
C LYS B 18 18.79 0.56 0.90
C LYS B 18 18.80 0.52 0.89
N GLU B 19 20.01 0.76 1.41
CA GLU B 19 21.10 1.22 0.56
C GLU B 19 21.54 0.11 -0.40
N ALA B 20 21.65 -1.12 0.11
CA ALA B 20 21.97 -2.26 -0.76
C ALA B 20 20.95 -2.40 -1.87
N LEU B 21 19.67 -2.16 -1.56
CA LEU B 21 18.61 -2.25 -2.55
C LEU B 21 18.78 -1.20 -3.64
N TYR B 22 19.04 0.05 -3.23
CA TYR B 22 19.29 1.10 -4.20
C TYR B 22 20.41 0.72 -5.16
N ASP B 23 21.56 0.30 -4.61
CA ASP B 23 22.69 -0.07 -5.45
C ASP B 23 22.35 -1.21 -6.40
N LEU B 24 21.63 -2.21 -5.89
CA LEU B 24 21.26 -3.36 -6.71
C LEU B 24 20.40 -2.93 -7.89
N LEU B 25 19.45 -2.03 -7.65
CA LEU B 25 18.58 -1.55 -8.72
C LEU B 25 19.34 -0.73 -9.75
N ILE B 26 20.18 0.21 -9.30
CA ILE B 26 20.97 1.00 -10.25
C ILE B 26 21.86 0.11 -11.10
N GLU B 27 22.55 -0.83 -10.46
CA GLU B 27 23.43 -1.70 -11.21
C GLU B 27 22.69 -2.68 -12.11
N GLY B 28 21.53 -3.14 -11.65
CA GLY B 28 20.81 -4.15 -12.42
C GLY B 28 20.05 -3.63 -13.61
N PHE B 29 19.58 -2.38 -13.58
CA PHE B 29 18.82 -1.79 -14.68
C PHE B 29 19.69 -1.02 -15.67
N GLU B 30 21.01 -1.05 -15.52
CA GLU B 30 21.94 -0.41 -16.45
C GLU B 30 21.52 1.03 -16.82
N GLY B 31 21.15 1.81 -15.81
CA GLY B 31 20.94 3.23 -15.99
C GLY B 31 19.52 3.68 -16.29
N ASP B 32 18.58 2.78 -16.53
N ASP B 32 18.58 2.75 -16.47
CA ASP B 32 17.21 3.23 -16.83
CA ASP B 32 17.21 3.04 -16.83
C ASP B 32 16.28 3.04 -15.64
C ASP B 32 16.27 2.99 -15.61
N PHE B 33 16.78 3.32 -14.43
CA PHE B 33 16.00 3.25 -13.20
C PHE B 33 16.16 4.59 -12.51
N SER B 34 15.07 5.35 -12.41
CA SER B 34 15.12 6.75 -12.00
C SER B 34 14.85 6.88 -10.50
N HIS B 35 14.98 8.11 -10.01
CA HIS B 35 14.67 8.37 -8.61
C HIS B 35 13.18 8.20 -8.34
N ASP B 36 12.34 8.53 -9.32
CA ASP B 36 10.92 8.23 -9.19
C ASP B 36 10.67 6.73 -9.17
N ASP B 37 11.39 5.96 -10.01
CA ASP B 37 11.25 4.51 -9.94
C ASP B 37 11.59 3.99 -8.54
N PHE B 38 12.58 4.61 -7.89
CA PHE B 38 12.93 4.14 -6.55
C PHE B 38 11.84 4.52 -5.55
N ALA B 39 11.30 5.74 -5.65
CA ALA B 39 10.16 6.10 -4.79
C ALA B 39 9.02 5.11 -4.97
N HIS B 40 8.80 4.65 -6.20
CA HIS B 40 7.71 3.71 -6.47
C HIS B 40 7.90 2.37 -5.76
N THR B 41 9.12 1.98 -5.42
CA THR B 41 9.27 0.65 -4.83
C THR B 41 9.26 0.68 -3.31
N LEU B 42 9.01 1.83 -2.70
CA LEU B 42 9.01 1.98 -1.25
C LEU B 42 7.59 2.14 -0.74
N GLY B 43 7.29 1.50 0.38
CA GLY B 43 5.99 1.64 1.01
C GLY B 43 5.20 0.35 1.09
N GLY B 44 5.64 -0.71 0.43
CA GLY B 44 4.94 -1.99 0.44
C GLY B 44 5.82 -3.13 0.92
N MET B 45 5.60 -4.33 0.36
CA MET B 45 6.33 -5.53 0.75
C MET B 45 7.49 -5.76 -0.22
N HIS B 46 8.67 -6.05 0.33
CA HIS B 46 9.84 -6.44 -0.44
C HIS B 46 10.06 -7.94 -0.30
N VAL B 47 10.29 -8.62 -1.41
CA VAL B 47 10.81 -9.98 -1.40
C VAL B 47 12.26 -9.89 -1.84
N MET B 48 13.16 -10.29 -0.94
CA MET B 48 14.59 -10.13 -1.15
C MET B 48 15.25 -11.50 -1.14
N ALA B 49 16.20 -11.68 -2.07
CA ALA B 49 16.99 -12.89 -2.18
C ALA B 49 18.42 -12.62 -1.78
N PHE B 50 18.99 -13.52 -0.97
CA PHE B 50 20.30 -13.32 -0.38
C PHE B 50 21.21 -14.51 -0.69
N ASP B 51 22.46 -14.21 -1.01
CA ASP B 51 23.54 -15.20 -1.02
C ASP B 51 24.37 -14.95 0.23
N GLN B 52 24.19 -15.81 1.23
CA GLN B 52 24.68 -15.54 2.58
C GLN B 52 24.10 -14.21 3.07
N GLN B 53 24.95 -13.20 3.20
CA GLN B 53 24.51 -11.90 3.69
C GLN B 53 24.37 -10.87 2.58
N LYS B 54 24.65 -11.24 1.33
CA LYS B 54 24.60 -10.29 0.23
C LYS B 54 23.24 -10.33 -0.46
N LEU B 55 22.63 -9.16 -0.61
CA LEU B 55 21.40 -9.05 -1.37
C LEU B 55 21.70 -9.23 -2.87
N VAL B 56 20.98 -10.14 -3.53
CA VAL B 56 21.26 -10.42 -4.94
C VAL B 56 20.00 -10.36 -5.79
N GLY B 57 18.84 -10.25 -5.16
CA GLY B 57 17.59 -10.22 -5.91
C GLY B 57 16.51 -9.51 -5.13
N HIS B 58 15.56 -8.92 -5.84
CA HIS B 58 14.52 -8.13 -5.18
C HIS B 58 13.30 -8.02 -6.06
N VAL B 59 12.14 -7.99 -5.43
CA VAL B 59 10.91 -7.51 -6.08
C VAL B 59 10.05 -6.92 -4.97
N ALA B 60 9.29 -5.88 -5.30
CA ALA B 60 8.40 -5.26 -4.33
C ALA B 60 6.95 -5.35 -4.79
N ILE B 61 6.04 -5.37 -3.83
CA ILE B 61 4.61 -5.39 -4.11
C ILE B 61 3.99 -4.21 -3.38
N ILE B 62 3.47 -3.27 -4.15
CA ILE B 62 2.92 -2.00 -3.67
C ILE B 62 1.40 -2.09 -3.73
N GLN B 63 0.74 -1.54 -2.72
N GLN B 63 0.73 -1.60 -2.70
CA GLN B 63 -0.72 -1.45 -2.71
CA GLN B 63 -0.72 -1.55 -2.80
C GLN B 63 -1.15 -0.27 -3.57
C GLN B 63 -1.12 -0.32 -3.59
N ARG B 64 -1.98 -0.53 -4.60
CA ARG B 64 -2.54 0.54 -5.39
C ARG B 64 -4.05 0.37 -5.44
N HIS B 65 -4.75 1.48 -5.64
CA HIS B 65 -6.21 1.50 -5.60
C HIS B 65 -6.69 2.02 -6.94
N MET B 66 -7.33 1.15 -7.71
CA MET B 66 -7.67 1.44 -9.08
C MET B 66 -9.15 1.22 -9.32
N ALA B 67 -9.59 1.53 -10.54
CA ALA B 67 -10.92 1.20 -11.01
C ALA B 67 -10.80 0.21 -12.15
N LEU B 68 -11.63 -0.81 -12.11
CA LEU B 68 -11.80 -1.74 -13.22
C LEU B 68 -13.17 -1.42 -13.81
N ASP B 69 -13.18 -0.82 -14.99
CA ASP B 69 -14.38 -0.13 -15.49
C ASP B 69 -14.86 0.79 -14.37
N ASN B 70 -16.06 0.54 -13.84
CA ASN B 70 -16.62 1.38 -12.79
C ASN B 70 -16.37 0.84 -11.39
N THR B 71 -15.73 -0.31 -11.26
CA THR B 71 -15.64 -1.02 -10.00
C THR B 71 -14.30 -0.75 -9.32
N PRO B 72 -14.28 -0.35 -8.04
CA PRO B 72 -13.00 -0.19 -7.35
C PRO B 72 -12.35 -1.55 -7.14
N ILE B 73 -11.04 -1.62 -7.36
CA ILE B 73 -10.29 -2.85 -7.15
C ILE B 73 -8.99 -2.57 -6.42
N SER B 74 -8.63 -3.47 -5.52
N SER B 74 -8.68 -3.41 -5.44
CA SER B 74 -7.40 -3.36 -4.73
CA SER B 74 -7.40 -3.34 -4.78
C SER B 74 -6.29 -4.16 -5.42
C SER B 74 -6.39 -4.07 -5.65
N VAL B 75 -5.21 -3.47 -5.80
CA VAL B 75 -4.19 -4.01 -6.70
C VAL B 75 -2.88 -4.23 -5.93
N GLY B 76 -2.26 -5.39 -6.13
CA GLY B 76 -0.86 -5.55 -5.77
C GLY B 76 0.00 -5.23 -6.98
N TYR B 77 0.75 -4.14 -6.92
CA TYR B 77 1.49 -3.66 -8.09
C TYR B 77 2.97 -3.99 -7.93
N VAL B 78 3.51 -4.69 -8.92
CA VAL B 78 4.86 -5.22 -8.86
C VAL B 78 5.82 -4.15 -9.35
N GLU B 79 6.87 -3.88 -8.57
CA GLU B 79 7.86 -2.86 -8.87
C GLU B 79 9.26 -3.40 -8.64
N ALA B 80 10.22 -2.85 -9.39
CA ALA B 80 11.63 -2.98 -9.06
C ALA B 80 12.10 -4.44 -9.02
N MET B 81 11.64 -5.23 -9.99
CA MET B 81 12.09 -6.61 -10.12
C MET B 81 13.52 -6.63 -10.64
N VAL B 82 14.45 -7.24 -9.90
CA VAL B 82 15.85 -7.21 -10.31
C VAL B 82 16.58 -8.39 -9.68
N VAL B 83 17.53 -8.93 -10.44
CA VAL B 83 18.50 -9.92 -9.94
C VAL B 83 19.87 -9.48 -10.43
N GLU B 84 20.86 -9.50 -9.54
CA GLU B 84 22.23 -9.14 -9.89
C GLU B 84 22.73 -9.96 -11.06
N GLN B 85 23.43 -9.31 -12.00
CA GLN B 85 23.67 -9.89 -13.32
C GLN B 85 24.29 -11.28 -13.23
N SER B 86 25.30 -11.45 -12.37
CA SER B 86 25.99 -12.73 -12.34
C SER B 86 25.14 -13.85 -11.74
N TYR B 87 24.01 -13.53 -11.10
CA TYR B 87 23.10 -14.51 -10.51
C TYR B 87 21.92 -14.86 -11.41
N ARG B 88 21.85 -14.30 -12.61
CA ARG B 88 20.67 -14.45 -13.45
C ARG B 88 20.62 -15.83 -14.10
N ARG B 89 19.42 -16.18 -14.59
CA ARG B 89 19.18 -17.44 -15.29
C ARG B 89 19.43 -18.65 -14.40
N GLN B 90 19.20 -18.50 -13.10
CA GLN B 90 19.27 -19.60 -12.15
C GLN B 90 17.93 -19.85 -11.47
N GLY B 91 16.87 -19.15 -11.87
CA GLY B 91 15.56 -19.34 -11.29
C GLY B 91 15.22 -18.42 -10.13
N ILE B 92 16.10 -17.47 -9.80
CA ILE B 92 15.80 -16.55 -8.70
C ILE B 92 14.60 -15.67 -9.03
N GLY B 93 14.59 -15.11 -10.25
CA GLY B 93 13.45 -14.29 -10.64
C GLY B 93 12.14 -15.03 -10.55
N ARG B 94 12.14 -16.30 -11.00
CA ARG B 94 10.93 -17.10 -10.88
C ARG B 94 10.50 -17.25 -9.42
N GLN B 95 11.46 -17.55 -8.54
CA GLN B 95 11.12 -17.72 -7.13
C GLN B 95 10.63 -16.41 -6.53
N LEU B 96 11.23 -15.28 -6.90
CA LEU B 96 10.71 -13.99 -6.48
C LEU B 96 9.26 -13.80 -6.92
N MET B 97 8.92 -14.23 -8.14
CA MET B 97 7.54 -14.07 -8.61
C MET B 97 6.59 -15.04 -7.92
N LEU B 98 7.06 -16.25 -7.57
CA LEU B 98 6.18 -17.17 -6.85
C LEU B 98 5.82 -16.61 -5.48
N GLN B 99 6.79 -15.96 -4.85
CA GLN B 99 6.54 -15.33 -3.55
C GLN B 99 5.59 -14.15 -3.77
N THR B 100 5.80 -13.41 -4.85
CA THR B 100 4.94 -12.28 -5.18
C THR B 100 3.50 -12.74 -5.38
N ASN B 101 3.30 -13.83 -6.13
CA ASN B 101 1.94 -14.34 -6.34
C ASN B 101 1.27 -14.68 -5.01
N LYS B 102 2.02 -15.30 -4.10
CA LYS B 102 1.46 -15.63 -2.78
C LYS B 102 1.00 -14.38 -2.05
N ILE B 103 1.84 -13.34 -2.04
CA ILE B 103 1.47 -12.11 -1.35
C ILE B 103 0.23 -11.49 -1.97
N ILE B 104 0.17 -11.46 -3.31
CA ILE B 104 -0.98 -10.87 -3.99
C ILE B 104 -2.24 -11.68 -3.71
N ALA B 105 -2.15 -13.01 -3.75
CA ALA B 105 -3.33 -13.82 -3.51
C ALA B 105 -3.87 -13.62 -2.09
N SER B 106 -3.02 -13.26 -1.15
CA SER B 106 -3.47 -13.13 0.23
C SER B 106 -4.02 -11.76 0.56
N CYS B 107 -3.71 -10.72 -0.24
CA CYS B 107 -4.00 -9.34 0.13
C CYS B 107 -4.85 -8.56 -0.87
N TYR B 108 -4.78 -8.86 -2.17
CA TYR B 108 -5.33 -7.96 -3.18
C TYR B 108 -6.22 -8.73 -4.15
N GLN B 109 -7.04 -7.98 -4.87
CA GLN B 109 -7.95 -8.57 -5.84
C GLN B 109 -7.28 -8.86 -7.17
N LEU B 110 -6.18 -8.20 -7.47
CA LEU B 110 -5.56 -8.30 -8.79
C LEU B 110 -4.10 -7.91 -8.69
N GLY B 111 -3.23 -8.65 -9.37
CA GLY B 111 -1.84 -8.25 -9.53
C GLY B 111 -1.67 -7.56 -10.88
N LEU B 112 -0.88 -6.49 -10.90
CA LEU B 112 -0.53 -5.81 -12.15
C LEU B 112 0.95 -5.45 -12.13
N LEU B 113 1.53 -5.36 -13.33
CA LEU B 113 2.92 -4.95 -13.49
C LEU B 113 3.09 -4.40 -14.90
N SER B 114 4.16 -3.66 -15.10
CA SER B 114 4.51 -3.11 -16.41
C SER B 114 5.81 -3.77 -16.86
N ALA B 115 5.73 -4.62 -17.88
CA ALA B 115 6.87 -5.39 -18.35
C ALA B 115 7.47 -4.77 -19.61
N SER B 116 8.75 -5.08 -19.83
N SER B 116 8.75 -5.07 -19.83
CA SER B 116 9.43 -4.68 -21.05
CA SER B 116 9.40 -4.63 -21.06
C SER B 116 9.04 -5.61 -22.21
C SER B 116 9.06 -5.60 -22.20
N ASP B 117 9.18 -5.09 -23.43
CA ASP B 117 8.81 -5.87 -24.62
C ASP B 117 9.51 -7.21 -24.67
N ASP B 118 10.79 -7.25 -24.28
CA ASP B 118 11.57 -8.48 -24.29
C ASP B 118 11.66 -9.11 -22.91
N GLY B 119 10.69 -8.89 -22.05
CA GLY B 119 10.76 -9.41 -20.70
C GLY B 119 9.45 -9.92 -20.14
N GLN B 120 8.56 -10.43 -21.00
CA GLN B 120 7.26 -10.91 -20.55
C GLN B 120 7.22 -12.41 -20.30
N LYS B 121 8.19 -13.17 -20.82
CA LYS B 121 8.13 -14.63 -20.69
C LYS B 121 8.21 -15.06 -19.24
N LEU B 122 9.04 -14.38 -18.44
CA LEU B 122 9.17 -14.75 -17.03
C LEU B 122 7.82 -14.71 -16.32
N TYR B 123 7.09 -13.59 -16.46
CA TYR B 123 5.81 -13.45 -15.78
C TYR B 123 4.78 -14.40 -16.37
N HIS B 124 4.79 -14.57 -17.68
CA HIS B 124 3.87 -15.51 -18.30
C HIS B 124 4.08 -16.93 -17.76
N SER B 125 5.33 -17.27 -17.40
CA SER B 125 5.61 -18.63 -16.92
C SER B 125 5.11 -18.88 -15.51
N VAL B 126 4.69 -17.84 -14.77
CA VAL B 126 4.02 -18.02 -13.48
C VAL B 126 2.61 -17.44 -13.55
N GLY B 127 1.99 -17.50 -14.73
CA GLY B 127 0.56 -17.33 -14.86
C GLY B 127 0.06 -15.96 -15.22
N TRP B 128 0.95 -14.98 -15.41
CA TRP B 128 0.53 -13.63 -15.74
C TRP B 128 0.18 -13.53 -17.23
N GLN B 129 -0.69 -12.58 -17.56
CA GLN B 129 -1.18 -12.40 -18.92
C GLN B 129 -1.19 -10.93 -19.28
N ILE B 130 -0.91 -10.65 -20.56
CA ILE B 130 -1.01 -9.28 -21.06
C ILE B 130 -2.42 -8.76 -20.83
N TRP B 131 -2.51 -7.54 -20.27
CA TRP B 131 -3.80 -6.89 -20.13
C TRP B 131 -4.28 -6.44 -21.50
N LYS B 132 -5.51 -6.80 -21.85
N LYS B 132 -5.51 -6.81 -21.86
CA LYS B 132 -6.02 -6.57 -23.20
CA LYS B 132 -6.00 -6.55 -23.21
C LYS B 132 -6.92 -5.35 -23.32
C LYS B 132 -6.88 -5.32 -23.32
N GLY B 133 -7.40 -4.79 -22.20
CA GLY B 133 -8.25 -3.63 -22.23
C GLY B 133 -7.46 -2.32 -22.26
N LYS B 134 -8.21 -1.23 -22.27
CA LYS B 134 -7.61 0.08 -22.25
C LYS B 134 -7.02 0.38 -20.87
N LEU B 135 -5.95 1.18 -20.87
CA LEU B 135 -5.30 1.64 -19.67
C LEU B 135 -5.39 3.16 -19.62
N PHE B 136 -5.69 3.69 -18.43
CA PHE B 136 -5.84 5.12 -18.20
C PHE B 136 -5.00 5.56 -17.00
N GLU B 137 -4.54 6.81 -17.06
CA GLU B 137 -3.78 7.41 -15.96
C GLU B 137 -4.24 8.85 -15.78
N LEU B 138 -3.97 9.39 -14.59
CA LEU B 138 -4.38 10.76 -14.28
C LEU B 138 -3.33 11.76 -14.77
N LYS B 139 -3.78 12.78 -15.49
CA LYS B 139 -2.95 13.92 -15.87
C LYS B 139 -3.79 15.18 -15.69
N GLN B 140 -3.31 16.11 -14.86
CA GLN B 140 -4.07 17.32 -14.53
C GLN B 140 -5.37 16.98 -13.83
N GLY B 141 -5.40 15.87 -13.10
CA GLY B 141 -6.62 15.45 -12.44
C GLY B 141 -7.68 14.85 -13.33
N SER B 142 -7.38 14.59 -14.62
CA SER B 142 -8.32 13.92 -15.50
C SER B 142 -7.65 12.70 -16.13
N TYR B 143 -8.44 11.64 -16.35
CA TYR B 143 -7.91 10.40 -16.90
C TYR B 143 -7.65 10.55 -18.40
N ILE B 144 -6.48 10.08 -18.85
CA ILE B 144 -6.13 10.00 -20.26
C ILE B 144 -5.64 8.58 -20.52
N ARG B 145 -5.59 8.21 -21.80
CA ARG B 145 -5.16 6.85 -22.15
C ARG B 145 -3.66 6.68 -21.92
N SER B 146 -3.28 5.51 -21.41
CA SER B 146 -1.87 5.16 -21.26
C SER B 146 -1.42 4.29 -22.44
N ILE B 147 -1.44 4.88 -23.64
CA ILE B 147 -1.21 4.11 -24.86
C ILE B 147 0.13 3.39 -24.81
N GLU B 148 1.17 4.07 -24.32
CA GLU B 148 2.51 3.49 -24.28
C GLU B 148 2.49 2.11 -23.63
N GLU B 149 1.71 1.96 -22.57
CA GLU B 149 1.72 0.77 -21.72
C GLU B 149 0.81 -0.35 -22.24
N GLU B 150 -0.06 -0.08 -23.20
CA GLU B 150 -1.03 -1.08 -23.64
C GLU B 150 -0.33 -2.16 -24.47
N GLY B 151 -0.37 -3.39 -23.97
CA GLY B 151 0.43 -4.46 -24.54
C GLY B 151 1.65 -4.81 -23.72
N GLY B 152 2.04 -3.96 -22.78
CA GLY B 152 3.15 -4.22 -21.87
C GLY B 152 2.71 -4.49 -20.45
N VAL B 153 1.60 -3.90 -20.00
CA VAL B 153 1.10 -4.20 -18.67
C VAL B 153 0.52 -5.60 -18.64
N MET B 154 0.80 -6.35 -17.57
CA MET B 154 0.33 -7.71 -17.39
C MET B 154 -0.39 -7.82 -16.06
N GLY B 155 -1.35 -8.75 -15.99
CA GLY B 155 -2.13 -8.94 -14.79
C GLY B 155 -2.18 -10.39 -14.37
N TRP B 156 -2.56 -10.61 -13.12
CA TRP B 156 -2.64 -11.96 -12.57
C TRP B 156 -3.75 -11.99 -11.54
N LYS B 157 -4.64 -12.97 -11.63
CA LYS B 157 -5.70 -13.13 -10.64
C LYS B 157 -5.75 -14.57 -10.19
N ALA B 158 -5.66 -14.80 -8.88
CA ALA B 158 -5.72 -16.14 -8.32
C ALA B 158 -7.04 -16.84 -8.64
N GLY B 160 -9.89 -17.35 -10.17
CA GLY B 160 -10.20 -15.92 -10.24
C GLY B 160 -11.08 -15.56 -11.42
N GLU B 161 -11.89 -14.52 -11.25
CA GLU B 161 -12.85 -14.07 -12.27
C GLU B 161 -12.63 -12.57 -12.51
N VAL B 162 -11.71 -12.23 -13.40
CA VAL B 162 -11.46 -10.85 -13.78
C VAL B 162 -11.42 -10.77 -15.31
N ASP B 163 -12.05 -9.74 -15.86
CA ASP B 163 -12.13 -9.55 -17.30
C ASP B 163 -10.90 -8.76 -17.75
N PHE B 164 -10.00 -9.43 -18.48
CA PHE B 164 -8.76 -8.78 -18.91
C PHE B 164 -8.97 -7.83 -20.08
N THR B 165 -10.21 -7.70 -20.58
CA THR B 165 -10.53 -6.73 -21.60
C THR B 165 -11.15 -5.46 -21.01
N ALA B 166 -11.38 -5.43 -19.70
CA ALA B 166 -11.95 -4.24 -19.10
C ALA B 166 -10.90 -3.14 -19.01
N SER B 167 -11.38 -1.92 -18.75
CA SER B 167 -10.51 -0.75 -18.63
C SER B 167 -9.97 -0.64 -17.20
N LEU B 168 -8.71 -0.24 -17.10
CA LEU B 168 -8.06 -0.02 -15.81
C LEU B 168 -7.72 1.45 -15.68
N TYR B 169 -8.07 2.05 -14.55
CA TYR B 169 -7.78 3.44 -14.24
C TYR B 169 -6.87 3.43 -13.02
N CYS B 170 -5.61 3.83 -13.20
CA CYS B 170 -4.66 3.71 -12.09
C CYS B 170 -4.71 4.97 -11.23
N ASP B 171 -4.08 4.89 -10.06
CA ASP B 171 -3.99 6.04 -9.18
C ASP B 171 -2.72 6.86 -9.49
N PHE B 172 -2.65 8.06 -8.92
CA PHE B 172 -1.68 9.08 -9.32
C PHE B 172 -0.34 8.88 -8.63
N ARG B 173 0.75 9.17 -9.34
CA ARG B 173 2.08 9.20 -8.74
C ARG B 173 3.01 10.03 -9.63
N GLY B 174 4.26 10.19 -9.17
CA GLY B 174 5.25 10.89 -9.97
C GLY B 174 5.91 9.97 -10.99
N GLY B 175 6.51 10.57 -12.02
CA GLY B 175 7.20 9.76 -13.02
C GLY B 175 6.22 8.94 -13.84
N ASP B 176 6.63 7.70 -14.17
CA ASP B 176 5.77 6.80 -14.92
C ASP B 176 4.63 6.30 -14.04
N GLN B 177 3.39 6.49 -14.51
CA GLN B 177 2.24 6.08 -13.72
C GLN B 177 2.10 4.56 -13.66
N TRP B 178 2.63 3.86 -14.67
CA TRP B 178 2.65 2.41 -14.68
C TRP B 178 4.09 1.92 -14.48
C01 R7Y C . -8.94 6.16 12.03
C02 R7Y C . -10.16 5.25 11.96
C05 R7Y C . -12.48 4.77 11.22
C06 R7Y C . -12.36 3.76 10.15
C07 R7Y C . -13.53 2.85 10.17
C09 R7Y C . -14.84 3.61 10.16
C10 R7Y C . -16.02 2.70 10.53
C13 R7Y C . -13.74 5.59 11.04
C15 R7Y C . -14.83 6.90 9.32
C16 R7Y C . -14.50 7.32 7.88
C18 R7Y C . -15.67 8.04 7.19
C19 R7Y C . -16.18 9.22 8.03
C21 R7Y C . -16.56 8.78 9.44
C23 R7Y C . -18.36 9.97 10.36
C25 R7Y C . -18.18 9.79 12.77
C26 R7Y C . -18.65 8.96 13.97
C28 R7Y C . -18.59 11.25 12.92
C30 R7Y C . -18.18 12.01 11.74
C32 R7Y C . -18.74 11.45 10.50
C34 R7Y C . -15.36 8.11 10.13
N04 R7Y C . -11.34 5.67 11.25
N11 R7Y C . -17.22 3.43 10.16
N17 R7Y C . -14.09 6.14 7.10
N20 R7Y C . -17.29 9.89 7.34
N31 R7Y C . -18.58 13.40 11.87
O03 R7Y C . -10.14 4.18 12.49
O08 R7Y C . -13.53 2.01 9.04
O12 R7Y C . -14.90 4.72 11.10
O14 R7Y C . -13.66 6.30 9.83
O22 R7Y C . -16.97 9.90 10.21
O24 R7Y C . -18.76 9.22 11.55
O27 R7Y C . -20.04 8.79 13.87
O29 R7Y C . -17.99 11.79 14.07
O33 R7Y C . -18.26 12.16 9.40
O35 R7Y C . -15.75 7.73 11.43
N1A COA D . -5.89 7.24 33.28
C2A COA D . -6.84 8.09 32.76
N3A COA D . -7.13 8.41 31.50
C4A COA D . -6.31 7.76 30.61
C5A COA D . -5.27 6.85 30.98
C6A COA D . -5.11 6.62 32.38
N6A COA D . -4.14 5.77 32.85
N7A COA D . -4.61 6.34 29.86
C8A COA D . -5.25 6.95 28.83
N9A COA D . -6.27 7.80 29.24
C1B COA D . -7.17 8.61 28.42
C2B COA D . -6.37 9.42 27.38
O2B COA D . -5.92 10.63 27.89
C3B COA D . -7.55 9.66 26.40
O3B COA D . -8.30 10.62 26.94
P3B COA D . -8.83 11.80 25.63
O7A COA D . -9.94 10.95 25.12
O8A COA D . -9.22 13.03 26.46
O9A COA D . -7.58 11.85 24.79
C4B COA D . -8.33 8.29 26.48
O4B COA D . -8.02 7.72 27.75
C5B COA D . -7.90 7.32 25.40
O5B COA D . -6.52 7.32 25.32
P1A COA D . -6.01 5.80 25.07
O1A COA D . -6.39 4.96 26.23
O2A COA D . -4.57 5.85 24.60
O3A COA D . -6.90 5.25 23.76
P2A COA D . -7.73 3.90 24.06
O4A COA D . -6.83 2.75 24.23
O5A COA D . -8.92 4.10 24.97
O6A COA D . -8.43 3.58 22.53
CBP COA D . -9.97 4.29 20.91
CCP COA D . -9.00 4.74 22.02
CDP COA D . -10.48 5.48 20.12
CEP COA D . -9.23 3.35 19.96
CAP COA D . -11.14 3.54 21.57
OAP COA D . -12.03 4.38 22.31
C9P COA D . -12.03 2.77 20.56
O9P COA D . -11.73 1.65 20.16
N8P COA D . -13.21 3.38 20.14
C7P COA D . -14.14 2.71 19.22
C6P COA D . -13.60 2.62 17.78
C5P COA D . -13.22 4.02 17.38
O5P COA D . -13.91 5.00 17.59
N4P COA D . -11.99 4.15 16.72
C3P COA D . -11.49 5.49 16.30
C2P COA D . -12.24 5.99 15.09
S1P COA D . -11.56 7.66 14.74
C ACT E . -11.02 -21.98 2.96
O ACT E . -11.44 -21.41 3.99
OXT ACT E . -10.36 -23.06 2.86
CH3 ACT E . -11.35 -21.25 1.61
C ACT F . 6.09 17.37 -0.13
O ACT F . 5.47 17.06 -1.19
OXT ACT F . 5.62 17.82 0.94
CH3 ACT F . 7.65 17.19 -0.19
C01 R7Y G . 8.05 -5.25 -13.13
C02 R7Y G . 9.17 -4.21 -13.11
C05 R7Y G . 10.14 -2.07 -13.99
C06 R7Y G . 10.02 -1.09 -12.88
C07 R7Y G . 11.15 -0.13 -12.96
C09 R7Y G . 11.27 0.51 -14.34
C10 R7Y G . 12.59 1.26 -14.53
C13 R7Y G . 10.13 -1.40 -15.35
C15 R7Y G . 8.76 0.21 -16.57
C16 R7Y G . 7.46 0.98 -16.28
C18 R7Y G . 7.07 2.00 -17.37
C19 R7Y G . 7.11 1.37 -18.77
C21 R7Y G . 8.47 0.71 -19.04
C23 R7Y G . 9.19 1.00 -21.24
C25 R7Y G . 10.71 -0.80 -21.75
C26 R7Y G . 12.21 -1.12 -21.79
C28 R7Y G . 10.06 -0.96 -23.13
C30 R7Y G . 8.63 -0.55 -23.06
C32 R7Y G . 8.52 0.84 -22.62
C34 R7Y G . 8.79 -0.37 -18.00
N04 R7Y G . 9.07 -3.05 -13.99
N11 R7Y G . 12.51 2.09 -15.74
N17 R7Y G . 7.53 1.63 -14.96
N20 R7Y G . 6.80 2.41 -19.75
N31 R7Y G . 7.96 -0.69 -24.35
O03 R7Y G . 10.12 -4.33 -12.41
O08 R7Y G . 10.95 0.92 -12.04
O12 R7Y G . 11.24 -0.47 -15.42
O14 R7Y G . 8.88 -0.78 -15.56
O22 R7Y G . 8.50 0.16 -20.34
O24 R7Y G . 10.58 0.58 -21.30
O27 R7Y G . 12.82 -0.16 -22.61
O29 R7Y G . 10.18 -2.31 -23.52
O33 R7Y G . 7.17 1.20 -22.50
O35 R7Y G . 10.05 -0.95 -18.32
N1A COA H . 19.04 -22.57 -15.64
C2A COA H . 19.03 -21.82 -16.79
N3A COA H . 18.13 -20.94 -17.27
C4A COA H . 17.05 -20.80 -16.43
C5A COA H . 16.90 -21.52 -15.20
C6A COA H . 17.94 -22.40 -14.85
N6A COA H . 17.86 -23.12 -13.70
N7A COA H . 15.72 -21.18 -14.57
C8A COA H . 15.16 -20.29 -15.39
N9A COA H . 15.90 -20.03 -16.53
C1B COA H . 15.59 -19.09 -17.61
C2B COA H . 14.11 -18.66 -17.55
O2B COA H . 13.30 -19.50 -18.31
C3B COA H . 14.26 -17.28 -18.23
O3B COA H . 14.43 -17.47 -19.56
P3B COA H . 13.69 -16.10 -20.50
O7A COA H . 14.83 -15.17 -20.37
O8A COA H . 13.44 -16.73 -21.87
O9A COA H . 12.49 -15.79 -19.64
C4B COA H . 15.60 -16.79 -17.62
O4B COA H . 16.39 -17.95 -17.37
C5B COA H . 15.38 -16.02 -16.32
O5B COA H . 14.52 -16.75 -15.51
P1A COA H . 15.00 -16.50 -13.98
O1A COA H . 16.43 -16.82 -13.85
O2A COA H . 14.01 -17.10 -13.04
O3A COA H . 14.94 -14.83 -13.72
P2A COA H . 16.37 -14.24 -13.35
O4A COA H . 16.76 -14.60 -12.00
O5A COA H . 17.37 -14.23 -14.47
O6A COA H . 16.02 -12.55 -13.15
CBP COA H . 15.34 -10.61 -14.29
CCP COA H . 15.32 -12.15 -14.26
CDP COA H . 14.96 -10.08 -12.94
CEP COA H . 14.40 -10.10 -15.34
CAP COA H . 16.76 -10.18 -14.66
OAP COA H . 17.06 -10.42 -16.00
C9P COA H . 17.04 -8.67 -14.37
O9P COA H . 17.35 -8.28 -13.27
N8P COA H . 16.92 -7.79 -15.44
C7P COA H . 17.20 -6.36 -15.26
C6P COA H . 16.05 -5.62 -14.55
C5P COA H . 14.79 -5.93 -15.28
O5P COA H . 14.65 -5.85 -16.49
N4P COA H . 13.73 -6.33 -14.48
C3P COA H . 12.45 -6.70 -15.09
C2P COA H . 11.81 -5.55 -15.79
S1P COA H . 10.20 -6.13 -16.44
C ACT I . -15.76 -3.94 -20.63
O ACT I . -15.02 -2.97 -20.30
OXT ACT I . -15.50 -5.18 -20.60
CH3 ACT I . -17.19 -3.58 -21.14
C ACT J . -6.70 -1.58 -27.56
O ACT J . -7.87 -1.98 -27.78
OXT ACT J . -5.75 -1.43 -28.38
CH3 ACT J . -6.37 -1.25 -26.09
C ACT K . 2.79 7.01 -28.30
O ACT K . 2.15 6.79 -29.36
OXT ACT K . 3.84 7.67 -28.13
CH3 ACT K . 2.18 6.38 -27.01
C ACT L . 27.32 -17.10 -8.90
O ACT L . 26.12 -17.46 -8.91
OXT ACT L . 27.96 -16.45 -8.01
CH3 ACT L . 28.15 -17.49 -10.19
C ACT M . -13.35 -8.45 -9.70
O ACT M . -13.48 -8.75 -10.92
OXT ACT M . -14.27 -8.29 -8.83
CH3 ACT M . -11.90 -8.25 -9.17
#